data_2H5J
#
_entry.id   2H5J
#
_cell.length_a   50.150
_cell.length_b   69.340
_cell.length_c   94.090
_cell.angle_alpha   90.00
_cell.angle_beta   102.37
_cell.angle_gamma   90.00
#
_symmetry.space_group_name_H-M   'P 1 21 1'
#
loop_
_entity.id
_entity.type
_entity.pdbx_description
1 polymer 'caspase-3, p17 subunit'
2 polymer 'caspase-3, p12 subunit'
3 polymer Ac-DMQD-Cho
4 water water
#
loop_
_entity_poly.entity_id
_entity_poly.type
_entity_poly.pdbx_seq_one_letter_code
_entity_poly.pdbx_strand_id
1 'polypeptide(L)'
;SGISLDNSYKMDYPEMGLCIIINNKNFHKSTGMTSRSGTDVDAANLRETFRNLKYEVRNKNDLTREEIVELMRDVSKEDH
SKRSSFVCVLLSHGEEGIIFGTNGPVDLKKITNFFRGDRCRSLTGKPKLFIIQACRGTELDCGIET
;
A,C
2 'polypeptide(L)'
;CHKIPVEADFLYAYSTAPGYYSWRNSKDGSWFIQSLCAMLKQYADKLEFMHILTRVNRKVATEFESFSFDATFHAKKQIP
CIVSMLTKELYFYHH
;
B,D
3 'polypeptide(L)' (ACE)DMQ(ASJ) E,F
#
loop_
_chem_comp.id
_chem_comp.type
_chem_comp.name
_chem_comp.formula
ACE non-polymer 'ACETYL GROUP' 'C2 H4 O'
ASJ peptide-like '(3S)-3-amino-4-hydroxybutanoic acid' 'C4 H9 N O3'
#
# COMPACT_ATOMS: atom_id res chain seq x y z
N ASP A 6 18.05 14.01 -5.13
CA ASP A 6 17.74 12.68 -5.64
C ASP A 6 16.97 11.85 -4.61
N ASN A 7 16.67 12.47 -3.47
CA ASN A 7 15.75 11.83 -2.52
C ASN A 7 14.32 12.28 -2.78
N SER A 8 14.14 13.23 -3.69
CA SER A 8 12.87 13.83 -4.02
C SER A 8 12.62 13.89 -5.54
N TYR A 9 11.40 13.58 -5.99
CA TYR A 9 11.06 13.71 -7.40
C TYR A 9 11.25 15.16 -7.84
N LYS A 10 11.70 15.32 -9.08
CA LYS A 10 11.83 16.60 -9.76
C LYS A 10 10.45 17.17 -10.06
N MET A 11 10.10 18.26 -9.40
CA MET A 11 8.74 18.80 -9.53
C MET A 11 8.78 20.20 -10.11
N ASP A 12 9.91 20.53 -10.72
CA ASP A 12 10.07 21.86 -11.32
C ASP A 12 10.10 21.79 -12.85
N TYR A 13 9.47 20.77 -13.43
CA TYR A 13 9.17 20.74 -14.85
C TYR A 13 8.27 21.94 -15.15
N PRO A 14 8.11 22.34 -16.40
CA PRO A 14 7.26 23.51 -16.68
C PRO A 14 5.84 23.36 -16.14
N GLU A 15 5.24 22.18 -16.24
CA GLU A 15 3.92 21.89 -15.71
C GLU A 15 3.89 20.83 -14.61
N MET A 16 3.00 21.01 -13.64
CA MET A 16 2.85 20.02 -12.58
C MET A 16 2.33 18.74 -13.19
N GLY A 17 1.38 18.90 -14.12
CA GLY A 17 0.86 17.71 -14.79
C GLY A 17 -0.66 17.71 -14.86
N LEU A 18 -1.23 16.67 -15.47
CA LEU A 18 -2.67 16.55 -15.58
C LEU A 18 -3.27 15.92 -14.32
N CYS A 19 -4.52 16.31 -14.07
CA CYS A 19 -5.29 15.68 -12.99
C CYS A 19 -6.64 15.31 -13.58
N ILE A 20 -6.72 14.05 -14.01
CA ILE A 20 -7.96 13.54 -14.58
C ILE A 20 -8.89 13.07 -13.46
N ILE A 21 -10.09 13.66 -13.43
CA ILE A 21 -11.10 13.26 -12.46
C ILE A 21 -12.29 12.62 -13.18
N ILE A 22 -12.52 11.35 -12.91
CA ILE A 22 -13.64 10.61 -13.47
C ILE A 22 -14.71 10.45 -12.39
N ASN A 23 -15.80 11.20 -12.61
CA ASN A 23 -16.86 11.31 -11.61
C ASN A 23 -18.07 10.51 -12.06
N ASN A 24 -18.24 9.27 -11.55
CA ASN A 24 -19.42 8.53 -12.00
C ASN A 24 -20.52 8.55 -10.94
N LYS A 25 -21.66 9.14 -11.28
CA LYS A 25 -22.77 9.35 -10.36
C LYS A 25 -23.99 8.51 -10.69
N ASN A 26 -24.30 8.37 -11.98
CA ASN A 26 -25.48 7.67 -12.47
C ASN A 26 -25.13 6.40 -13.23
N PHE A 27 -25.74 5.30 -12.82
CA PHE A 27 -25.44 3.97 -13.31
C PHE A 27 -26.65 3.34 -13.97
N HIS A 28 -26.39 2.45 -14.93
CA HIS A 28 -27.51 1.82 -15.64
C HIS A 28 -28.22 0.89 -14.66
N LYS A 29 -29.54 0.80 -14.81
CA LYS A 29 -30.37 0.06 -13.88
C LYS A 29 -29.77 -1.32 -13.62
N SER A 30 -29.37 -1.89 -14.75
CA SER A 30 -28.71 -3.08 -15.15
C SER A 30 -27.42 -3.40 -14.39
N THR A 31 -27.17 -2.75 -13.26
CA THR A 31 -26.04 -2.82 -12.38
C THR A 31 -26.47 -2.79 -10.92
N GLY A 32 -27.69 -2.30 -10.70
CA GLY A 32 -28.23 -2.24 -9.35
C GLY A 32 -27.41 -1.35 -8.43
N MET A 33 -26.75 -0.35 -9.02
CA MET A 33 -25.98 0.57 -8.19
C MET A 33 -26.74 1.86 -8.05
N THR A 34 -26.92 2.34 -6.81
CA THR A 34 -27.72 3.56 -6.68
C THR A 34 -26.87 4.80 -6.91
N SER A 35 -27.52 5.85 -7.36
CA SER A 35 -26.96 7.17 -7.62
C SER A 35 -25.96 7.57 -6.54
N ARG A 36 -24.76 8.04 -6.90
CA ARG A 36 -23.76 8.31 -5.87
C ARG A 36 -23.84 9.76 -5.39
N SER A 37 -24.94 10.07 -4.69
CA SER A 37 -25.15 11.38 -4.08
C SER A 37 -23.99 11.78 -3.16
N GLY A 38 -23.51 13.00 -3.35
CA GLY A 38 -22.37 13.59 -2.67
C GLY A 38 -21.15 13.62 -3.60
N THR A 39 -21.12 12.78 -4.63
CA THR A 39 -19.93 12.74 -5.49
C THR A 39 -19.65 14.07 -6.15
N ASP A 40 -20.67 14.86 -6.53
CA ASP A 40 -20.32 16.15 -7.14
C ASP A 40 -19.64 17.08 -6.17
N VAL A 41 -19.93 16.95 -4.87
CA VAL A 41 -19.21 17.79 -3.91
C VAL A 41 -17.73 17.39 -3.94
N ASP A 42 -17.47 16.10 -4.08
CA ASP A 42 -16.10 15.59 -4.13
C ASP A 42 -15.40 16.11 -5.38
N ALA A 43 -16.07 15.89 -6.52
CA ALA A 43 -15.51 16.33 -7.80
C ALA A 43 -15.17 17.81 -7.80
N ALA A 44 -16.00 18.64 -7.18
CA ALA A 44 -15.69 20.06 -7.18
C ALA A 44 -14.55 20.39 -6.22
N ASN A 45 -14.55 19.66 -5.10
CA ASN A 45 -13.52 19.90 -4.10
C ASN A 45 -12.15 19.58 -4.70
N LEU A 46 -12.08 18.41 -5.31
CA LEU A 46 -10.90 17.92 -6.01
C LEU A 46 -10.40 18.89 -7.06
N ARG A 47 -11.34 19.33 -7.90
CA ARG A 47 -11.00 20.29 -8.96
C ARG A 47 -10.34 21.51 -8.36
N GLU A 48 -10.96 22.09 -7.32
CA GLU A 48 -10.34 23.30 -6.77
C GLU A 48 -9.03 23.00 -6.08
N THR A 49 -8.95 21.86 -5.40
CA THR A 49 -7.75 21.51 -4.62
C THR A 49 -6.55 21.37 -5.54
N PHE A 50 -6.68 20.58 -6.60
CA PHE A 50 -5.55 20.43 -7.52
C PHE A 50 -5.30 21.67 -8.37
N ARG A 51 -6.33 22.46 -8.66
CA ARG A 51 -6.09 23.71 -9.37
C ARG A 51 -5.12 24.56 -8.55
N ASN A 52 -5.33 24.57 -7.23
CA ASN A 52 -4.44 25.34 -6.37
C ASN A 52 -3.03 24.76 -6.39
N LEU A 53 -2.88 23.47 -6.63
CA LEU A 53 -1.58 22.79 -6.71
C LEU A 53 -0.99 22.89 -8.12
N LYS A 54 -1.71 23.56 -9.01
CA LYS A 54 -1.25 23.94 -10.34
C LYS A 54 -1.26 22.78 -11.33
N TYR A 55 -2.17 21.84 -11.08
CA TYR A 55 -2.47 20.78 -12.00
C TYR A 55 -3.50 21.23 -13.05
N GLU A 56 -3.31 20.67 -14.24
CA GLU A 56 -4.23 20.81 -15.35
C GLU A 56 -5.38 19.84 -15.13
N VAL A 57 -6.43 20.32 -14.49
CA VAL A 57 -7.54 19.42 -14.15
C VAL A 57 -8.47 19.18 -15.32
N ARG A 58 -8.85 17.94 -15.56
CA ARG A 58 -9.91 17.60 -16.51
C ARG A 58 -10.99 16.79 -15.78
N ASN A 59 -12.20 17.32 -15.63
CA ASN A 59 -13.28 16.51 -15.04
C ASN A 59 -14.09 15.82 -16.13
N LYS A 60 -14.33 14.53 -15.99
CA LYS A 60 -15.24 13.80 -16.87
C LYS A 60 -16.38 13.21 -16.04
N ASN A 61 -17.62 13.21 -16.54
CA ASN A 61 -18.72 12.71 -15.73
C ASN A 61 -19.44 11.55 -16.39
N ASP A 62 -19.82 10.59 -15.55
CA ASP A 62 -20.61 9.44 -16.00
C ASP A 62 -20.04 8.79 -17.24
N LEU A 63 -18.86 8.19 -17.15
CA LEU A 63 -18.28 7.46 -18.26
C LEU A 63 -18.60 5.98 -18.18
N THR A 64 -18.91 5.38 -19.33
CA THR A 64 -19.04 3.93 -19.39
C THR A 64 -17.66 3.29 -19.21
N ARG A 65 -17.62 1.98 -19.04
CA ARG A 65 -16.31 1.32 -18.88
C ARG A 65 -15.45 1.59 -20.10
N GLU A 66 -16.07 1.42 -21.27
CA GLU A 66 -15.38 1.65 -22.53
C GLU A 66 -14.80 3.05 -22.59
N GLU A 67 -15.55 4.05 -22.15
CA GLU A 67 -15.09 5.43 -22.22
C GLU A 67 -13.97 5.70 -21.24
N ILE A 68 -14.01 4.95 -20.14
CA ILE A 68 -12.94 5.13 -19.16
C ILE A 68 -11.64 4.60 -19.74
N VAL A 69 -11.73 3.40 -20.33
CA VAL A 69 -10.55 2.81 -20.96
C VAL A 69 -9.97 3.66 -22.08
N GLU A 70 -10.84 4.12 -22.97
CA GLU A 70 -10.40 4.92 -24.12
C GLU A 70 -9.87 6.28 -23.65
N LEU A 71 -10.48 6.85 -22.61
CA LEU A 71 -9.98 8.13 -22.12
C LEU A 71 -8.56 8.05 -21.57
N MET A 72 -8.34 6.96 -20.84
CA MET A 72 -7.07 6.68 -20.18
C MET A 72 -6.01 6.31 -21.21
N ARG A 73 -6.38 5.46 -22.18
CA ARG A 73 -5.49 5.24 -23.32
C ARG A 73 -5.04 6.55 -23.95
N ASP A 74 -5.99 7.42 -24.31
CA ASP A 74 -5.63 8.69 -24.96
C ASP A 74 -4.72 9.54 -24.09
N VAL A 75 -5.05 9.63 -22.80
CA VAL A 75 -4.20 10.46 -21.95
C VAL A 75 -2.78 9.90 -21.88
N SER A 76 -2.69 8.59 -21.81
CA SER A 76 -1.37 7.98 -21.68
C SER A 76 -0.60 8.09 -22.98
N LYS A 77 -1.33 8.38 -24.06
CA LYS A 77 -0.67 8.60 -25.34
C LYS A 77 -0.29 10.07 -25.50
N GLU A 78 -0.59 10.90 -24.52
CA GLU A 78 -0.16 12.29 -24.64
C GLU A 78 1.35 12.37 -24.42
N ASP A 79 1.96 13.48 -24.79
CA ASP A 79 3.36 13.75 -24.53
C ASP A 79 3.46 14.48 -23.19
N HIS A 80 3.89 13.79 -22.13
CA HIS A 80 3.93 14.40 -20.81
C HIS A 80 5.31 14.93 -20.45
N SER A 81 6.16 15.06 -21.45
CA SER A 81 7.54 15.50 -21.33
C SER A 81 7.74 16.67 -20.40
N LYS A 82 6.90 17.71 -20.51
CA LYS A 82 7.18 18.89 -19.71
C LYS A 82 6.30 18.91 -18.46
N ARG A 83 5.74 17.74 -18.16
CA ARG A 83 4.94 17.63 -16.93
C ARG A 83 5.68 16.88 -15.83
N SER A 84 5.66 17.39 -14.60
CA SER A 84 6.31 16.74 -13.48
C SER A 84 5.64 15.44 -13.07
N SER A 85 4.32 15.37 -13.20
CA SER A 85 3.66 14.18 -12.69
C SER A 85 2.34 13.87 -13.39
N PHE A 86 1.61 12.90 -12.83
CA PHE A 86 0.30 12.56 -13.35
C PHE A 86 -0.61 12.18 -12.17
N VAL A 87 -1.83 12.69 -12.20
CA VAL A 87 -2.83 12.28 -11.20
C VAL A 87 -4.11 11.90 -11.90
N CYS A 88 -4.68 10.78 -11.45
CA CYS A 88 -5.99 10.31 -11.89
C CYS A 88 -6.83 10.07 -10.63
N VAL A 89 -8.01 10.67 -10.55
CA VAL A 89 -8.92 10.42 -9.42
C VAL A 89 -10.13 9.68 -9.94
N LEU A 90 -10.47 8.55 -9.34
CA LEU A 90 -11.61 7.74 -9.76
C LEU A 90 -12.69 7.79 -8.68
N LEU A 91 -13.88 8.26 -9.04
CA LEU A 91 -15.00 8.35 -8.11
C LEU A 91 -16.14 7.46 -8.58
N SER A 92 -16.33 6.31 -7.93
CA SER A 92 -17.38 5.44 -8.45
C SER A 92 -17.71 4.33 -7.48
N HIS A 93 -18.57 3.41 -7.92
CA HIS A 93 -18.73 2.15 -7.22
C HIS A 93 -17.53 1.29 -7.64
N GLY A 94 -17.23 0.28 -6.85
CA GLY A 94 -16.18 -0.68 -7.15
C GLY A 94 -16.30 -1.91 -6.28
N GLU A 95 -15.42 -2.85 -6.57
CA GLU A 95 -15.09 -4.05 -5.83
C GLU A 95 -13.57 -4.18 -5.74
N GLU A 96 -13.11 -5.21 -5.02
CA GLU A 96 -11.64 -5.35 -4.96
C GLU A 96 -11.07 -5.46 -6.38
N GLY A 97 -10.10 -4.62 -6.69
CA GLY A 97 -9.43 -4.65 -7.98
C GLY A 97 -10.24 -4.04 -9.10
N ILE A 98 -11.43 -3.53 -8.81
CA ILE A 98 -12.39 -3.11 -9.84
C ILE A 98 -12.96 -1.72 -9.61
N ILE A 99 -13.08 -0.94 -10.67
CA ILE A 99 -13.83 0.33 -10.62
C ILE A 99 -14.99 0.25 -11.60
N PHE A 100 -16.15 0.83 -11.30
CA PHE A 100 -17.27 0.70 -12.21
C PHE A 100 -17.39 1.85 -13.20
N GLY A 101 -17.55 1.48 -14.46
CA GLY A 101 -18.11 2.43 -15.43
C GLY A 101 -19.62 2.50 -15.18
N THR A 102 -20.32 3.46 -15.80
CA THR A 102 -21.77 3.53 -15.62
C THR A 102 -22.46 2.25 -16.03
N ASN A 103 -21.85 1.50 -16.95
CA ASN A 103 -22.51 0.29 -17.43
C ASN A 103 -21.83 -0.99 -16.97
N GLY A 104 -20.87 -0.91 -16.04
CA GLY A 104 -20.24 -2.14 -15.58
C GLY A 104 -18.80 -1.96 -15.12
N PRO A 105 -18.23 -3.07 -14.63
CA PRO A 105 -16.91 -3.08 -14.01
C PRO A 105 -15.78 -3.11 -15.04
N VAL A 106 -14.66 -2.50 -14.69
CA VAL A 106 -13.41 -2.67 -15.41
C VAL A 106 -12.27 -2.86 -14.39
N ASP A 107 -11.35 -3.76 -14.68
CA ASP A 107 -10.18 -3.97 -13.84
C ASP A 107 -9.37 -2.69 -13.69
N LEU A 108 -9.06 -2.34 -12.44
CA LEU A 108 -8.15 -1.21 -12.27
C LEU A 108 -6.81 -1.49 -12.95
N LYS A 109 -6.38 -2.75 -12.95
CA LYS A 109 -5.10 -3.07 -13.61
C LYS A 109 -5.08 -2.58 -15.05
N LYS A 110 -6.21 -2.72 -15.77
CA LYS A 110 -6.15 -2.33 -17.18
C LYS A 110 -6.03 -0.83 -17.36
N ILE A 111 -6.63 -0.06 -16.45
CA ILE A 111 -6.47 1.39 -16.44
C ILE A 111 -5.04 1.80 -16.11
N THR A 112 -4.44 1.23 -15.04
CA THR A 112 -3.12 1.70 -14.64
C THR A 112 -2.02 1.22 -15.58
N ASN A 113 -2.20 0.09 -16.25
CA ASN A 113 -1.21 -0.47 -17.18
C ASN A 113 -0.84 0.48 -18.30
N PHE A 114 -1.76 1.37 -18.69
CA PHE A 114 -1.45 2.34 -19.73
C PHE A 114 -0.29 3.25 -19.34
N PHE A 115 -0.03 3.36 -18.02
CA PHE A 115 0.95 4.31 -17.57
C PHE A 115 2.22 3.62 -17.08
N ARG A 116 2.30 2.32 -17.31
CA ARG A 116 3.53 1.61 -16.91
C ARG A 116 4.79 2.26 -17.48
N GLY A 117 5.92 2.18 -16.79
CA GLY A 117 7.17 2.82 -17.14
C GLY A 117 7.57 2.60 -18.60
N ASP A 118 7.19 1.45 -19.15
CA ASP A 118 7.51 1.13 -20.53
C ASP A 118 6.40 1.43 -21.52
N ARG A 119 5.15 1.68 -21.14
CA ARG A 119 4.19 1.96 -22.21
C ARG A 119 3.77 3.42 -22.21
N CYS A 120 4.27 4.18 -21.25
CA CYS A 120 4.14 5.62 -21.23
C CYS A 120 5.50 6.26 -20.99
N ARG A 121 6.34 6.32 -22.03
CA ARG A 121 7.71 6.77 -21.85
C ARG A 121 7.86 8.16 -21.32
N SER A 122 6.92 9.08 -21.61
CA SER A 122 7.17 10.44 -21.12
C SER A 122 6.77 10.62 -19.67
N LEU A 123 6.29 9.58 -19.01
CA LEU A 123 6.11 9.65 -17.56
C LEU A 123 7.07 8.73 -16.80
N THR A 124 7.94 8.03 -17.52
CA THR A 124 8.91 7.13 -16.90
C THR A 124 9.69 7.89 -15.85
N GLY A 125 9.80 7.36 -14.63
CA GLY A 125 10.61 8.08 -13.64
C GLY A 125 9.82 9.18 -12.96
N LYS A 126 8.53 9.30 -13.28
CA LYS A 126 7.77 10.41 -12.72
C LYS A 126 6.63 9.88 -11.88
N PRO A 127 6.25 10.54 -10.80
CA PRO A 127 5.20 9.92 -9.96
C PRO A 127 3.86 9.92 -10.70
N LYS A 128 3.19 8.79 -10.60
CA LYS A 128 1.89 8.54 -11.21
C LYS A 128 0.86 8.23 -10.13
N LEU A 129 0.00 9.18 -9.76
CA LEU A 129 -0.87 8.97 -8.60
C LEU A 129 -2.28 8.58 -8.97
N PHE A 130 -2.78 7.49 -8.38
CA PHE A 130 -4.16 7.06 -8.54
C PHE A 130 -4.90 7.16 -7.21
N ILE A 131 -5.88 8.05 -7.17
CA ILE A 131 -6.74 8.30 -6.01
C ILE A 131 -8.09 7.66 -6.27
N ILE A 132 -8.40 6.65 -5.45
CA ILE A 132 -9.56 5.80 -5.69
C ILE A 132 -10.61 5.86 -4.59
N GLN A 133 -11.69 6.57 -4.89
CA GLN A 133 -12.85 6.57 -3.97
C GLN A 133 -13.87 5.58 -4.51
N ALA A 134 -13.91 4.38 -3.93
CA ALA A 134 -14.79 3.31 -4.37
C ALA A 134 -14.76 2.15 -3.38
N CYS A 135 -15.84 1.37 -3.26
CA CYS A 135 -15.80 0.19 -2.40
C CYS A 135 -14.82 -0.86 -2.94
N ARG A 136 -14.31 -1.71 -2.05
CA ARG A 136 -13.36 -2.76 -2.44
C ARG A 136 -13.89 -4.08 -1.88
N GLY A 137 -15.23 -4.15 -1.84
CA GLY A 137 -15.89 -5.27 -1.21
C GLY A 137 -17.03 -4.83 -0.28
N THR A 138 -17.51 -5.74 0.54
CA THR A 138 -18.66 -5.48 1.41
C THR A 138 -18.36 -5.75 2.87
N GLU A 139 -17.08 -5.78 3.25
CA GLU A 139 -16.79 -5.86 4.68
C GLU A 139 -17.12 -4.54 5.37
N LEU A 140 -17.56 -4.64 6.61
CA LEU A 140 -17.81 -3.48 7.44
C LEU A 140 -16.85 -3.51 8.63
N ASP A 141 -16.29 -2.36 8.94
CA ASP A 141 -15.42 -2.18 10.09
C ASP A 141 -16.21 -1.67 11.29
N CYS A 142 -16.40 -2.49 12.32
CA CYS A 142 -17.18 -2.05 13.48
C CYS A 142 -16.38 -1.17 14.42
N GLY A 143 -15.08 -1.06 14.20
CA GLY A 143 -14.31 -0.17 15.06
C GLY A 143 -14.12 -0.75 16.45
N ILE A 144 -13.32 -0.09 17.27
CA ILE A 144 -13.07 -0.53 18.64
C ILE A 144 -12.90 0.74 19.47
N GLU A 145 -13.53 0.76 20.65
CA GLU A 145 -13.52 1.96 21.48
C GLU A 145 -12.12 2.14 22.07
N THR A 146 -11.71 3.40 22.14
CA THR A 146 -10.40 3.82 22.62
C THR A 146 -10.55 4.67 23.90
N CYS B 1 22.94 -2.13 -18.99
CA CYS B 1 22.21 -0.87 -18.90
C CYS B 1 21.46 -0.72 -17.58
N HIS B 2 21.17 0.54 -17.24
CA HIS B 2 20.34 0.85 -16.08
C HIS B 2 18.86 0.86 -16.43
N LYS B 3 18.10 0.01 -15.77
CA LYS B 3 16.65 0.00 -15.96
C LYS B 3 15.96 0.33 -14.63
N ILE B 4 14.66 0.61 -14.72
CA ILE B 4 13.78 0.67 -13.55
C ILE B 4 12.60 -0.28 -13.75
N PRO B 5 12.02 -0.78 -12.66
CA PRO B 5 10.88 -1.69 -12.84
C PRO B 5 9.75 -0.96 -13.56
N VAL B 6 8.96 -1.65 -14.36
CA VAL B 6 7.87 -0.91 -15.04
C VAL B 6 6.76 -0.54 -14.07
N GLU B 7 6.75 -1.18 -12.89
CA GLU B 7 5.71 -0.89 -11.92
C GLU B 7 6.15 0.15 -10.91
N ALA B 8 7.39 0.65 -11.01
CA ALA B 8 7.85 1.63 -10.05
C ALA B 8 7.21 3.00 -10.26
N ASP B 9 7.19 3.83 -9.23
CA ASP B 9 6.76 5.22 -9.26
C ASP B 9 5.24 5.33 -9.46
N PHE B 10 4.49 4.36 -8.97
CA PHE B 10 3.04 4.39 -8.81
C PHE B 10 2.68 4.55 -7.33
N LEU B 11 1.68 5.37 -7.05
CA LEU B 11 1.07 5.57 -5.73
C LEU B 11 -0.43 5.40 -5.89
N TYR B 12 -0.98 4.44 -5.17
CA TYR B 12 -2.42 4.20 -5.22
C TYR B 12 -2.99 4.62 -3.87
N ALA B 13 -3.71 5.74 -3.89
CA ALA B 13 -4.31 6.17 -2.62
C ALA B 13 -5.76 5.69 -2.59
N TYR B 14 -5.95 4.51 -1.99
CA TYR B 14 -7.28 3.93 -1.82
C TYR B 14 -7.99 4.55 -0.62
N SER B 15 -9.29 4.78 -0.79
CA SER B 15 -10.12 5.36 0.25
C SER B 15 -10.41 4.40 1.40
N THR B 16 -10.33 3.11 1.15
CA THR B 16 -10.64 2.11 2.17
C THR B 16 -9.69 0.91 2.06
N ALA B 17 -9.68 0.04 3.06
CA ALA B 17 -8.89 -1.18 3.11
C ALA B 17 -9.45 -2.27 2.21
N PRO B 18 -8.55 -3.16 1.77
CA PRO B 18 -8.96 -4.26 0.90
C PRO B 18 -10.13 -5.06 1.48
N GLY B 19 -11.10 -5.35 0.63
CA GLY B 19 -12.30 -6.08 0.98
C GLY B 19 -13.38 -5.27 1.67
N TYR B 20 -13.17 -3.98 1.94
CA TYR B 20 -14.17 -3.21 2.68
C TYR B 20 -14.98 -2.22 1.86
N TYR B 21 -16.17 -1.90 2.37
CA TYR B 21 -16.96 -0.76 1.94
C TYR B 21 -16.17 0.55 2.11
N SER B 22 -16.52 1.53 1.27
CA SER B 22 -16.03 2.89 1.41
C SER B 22 -17.22 3.81 1.71
N TRP B 23 -17.11 4.84 2.53
CA TRP B 23 -18.33 5.54 2.92
C TRP B 23 -18.46 6.90 2.25
N ARG B 24 -19.67 7.27 1.86
CA ARG B 24 -19.92 8.55 1.21
C ARG B 24 -21.15 9.25 1.80
N ASN B 25 -21.00 10.52 2.14
CA ASN B 25 -22.12 11.29 2.68
C ASN B 25 -22.75 12.14 1.58
N SER B 26 -24.06 12.01 1.43
CA SER B 26 -24.91 12.70 0.46
C SER B 26 -24.72 14.20 0.42
N LYS B 27 -24.43 14.82 1.56
CA LYS B 27 -24.29 16.26 1.58
C LYS B 27 -22.84 16.73 1.62
N ASP B 28 -21.99 16.02 2.36
CA ASP B 28 -20.62 16.50 2.49
C ASP B 28 -19.64 15.82 1.53
N GLY B 29 -20.04 14.79 0.81
CA GLY B 29 -19.11 14.05 -0.03
C GLY B 29 -18.51 12.86 0.70
N SER B 30 -17.62 12.10 0.05
CA SER B 30 -16.99 10.95 0.73
C SER B 30 -16.05 11.39 1.83
N TRP B 31 -15.98 10.59 2.89
CA TRP B 31 -15.07 10.84 4.01
C TRP B 31 -13.63 11.05 3.53
N PHE B 32 -13.18 10.11 2.70
CA PHE B 32 -11.81 10.12 2.18
C PHE B 32 -11.55 11.36 1.35
N ILE B 33 -12.42 11.60 0.35
CA ILE B 33 -12.12 12.79 -0.48
C ILE B 33 -12.23 14.06 0.32
N GLN B 34 -13.21 14.18 1.23
CA GLN B 34 -13.21 15.45 1.97
C GLN B 34 -11.96 15.53 2.84
N SER B 35 -11.55 14.42 3.42
CA SER B 35 -10.34 14.47 4.26
C SER B 35 -9.10 14.74 3.41
N LEU B 36 -9.05 14.13 2.22
CA LEU B 36 -7.84 14.34 1.40
C LEU B 36 -7.68 15.78 0.97
N CYS B 37 -8.80 16.38 0.55
CA CYS B 37 -8.74 17.77 0.10
C CYS B 37 -8.38 18.69 1.26
N ALA B 38 -8.95 18.44 2.44
CA ALA B 38 -8.61 19.32 3.54
C ALA B 38 -7.14 19.22 3.94
N MET B 39 -6.58 18.01 3.94
CA MET B 39 -5.16 17.85 4.30
C MET B 39 -4.25 18.40 3.21
N LEU B 40 -4.55 18.19 1.93
CA LEU B 40 -3.74 18.79 0.88
C LEU B 40 -3.70 20.31 1.04
N LYS B 41 -4.90 20.88 1.26
CA LYS B 41 -5.03 22.32 1.40
C LYS B 41 -4.26 22.84 2.59
N GLN B 42 -4.35 22.10 3.71
CA GLN B 42 -3.62 22.62 4.85
C GLN B 42 -2.12 22.38 4.81
N TYR B 43 -1.66 21.32 4.16
CA TYR B 43 -0.29 20.89 4.33
C TYR B 43 0.52 20.72 3.05
N ALA B 44 -0.10 20.73 1.87
CA ALA B 44 0.66 20.50 0.64
C ALA B 44 1.77 21.52 0.44
N ASP B 45 1.76 22.66 1.13
CA ASP B 45 2.83 23.63 0.97
C ASP B 45 4.03 23.32 1.85
N LYS B 46 4.05 22.14 2.47
CA LYS B 46 5.23 21.88 3.32
C LYS B 46 5.45 20.42 3.69
N LEU B 47 4.44 19.56 3.75
CA LEU B 47 4.63 18.16 4.09
C LEU B 47 4.78 17.28 2.86
N GLU B 48 5.62 16.25 2.97
CA GLU B 48 5.78 15.27 1.89
C GLU B 48 4.47 14.52 1.73
N PHE B 49 4.18 14.00 0.54
CA PHE B 49 2.87 13.41 0.28
C PHE B 49 2.52 12.23 1.19
N MET B 50 3.42 11.28 1.46
CA MET B 50 3.08 10.15 2.34
C MET B 50 2.62 10.63 3.71
N HIS B 51 3.28 11.66 4.21
CA HIS B 51 2.91 12.20 5.52
C HIS B 51 1.50 12.81 5.45
N ILE B 52 1.26 13.56 4.36
CA ILE B 52 -0.07 14.10 4.15
C ILE B 52 -1.08 12.95 4.09
N LEU B 53 -0.76 11.86 3.40
CA LEU B 53 -1.73 10.77 3.32
C LEU B 53 -1.89 10.12 4.69
N THR B 54 -0.83 10.29 5.51
CA THR B 54 -0.96 9.71 6.85
C THR B 54 -1.87 10.58 7.70
N ARG B 55 -1.83 11.89 7.54
CA ARG B 55 -2.83 12.70 8.27
C ARG B 55 -4.24 12.41 7.82
N VAL B 56 -4.42 11.99 6.58
CA VAL B 56 -5.74 11.66 6.02
C VAL B 56 -6.23 10.34 6.62
N ASN B 57 -5.33 9.37 6.71
CA ASN B 57 -5.68 8.13 7.42
C ASN B 57 -6.20 8.46 8.82
N ARG B 58 -5.53 9.35 9.54
CA ARG B 58 -5.93 9.61 10.92
C ARG B 58 -7.29 10.32 11.01
N LYS B 59 -7.51 11.29 10.14
CA LYS B 59 -8.74 12.08 10.07
C LYS B 59 -9.93 11.18 9.74
N VAL B 60 -9.82 10.36 8.71
CA VAL B 60 -10.89 9.42 8.39
C VAL B 60 -11.17 8.43 9.51
N ALA B 61 -10.11 8.01 10.22
CA ALA B 61 -10.30 6.99 11.23
C ALA B 61 -10.86 7.56 12.51
N THR B 62 -10.59 8.84 12.73
CA THR B 62 -11.00 9.41 14.01
C THR B 62 -12.23 10.31 13.91
N GLU B 63 -12.41 11.06 12.82
CA GLU B 63 -13.49 12.04 12.82
C GLU B 63 -14.80 11.54 12.24
N PHE B 64 -14.80 10.37 11.64
CA PHE B 64 -16.02 9.88 11.01
C PHE B 64 -16.46 8.56 11.61
N GLU B 65 -17.78 8.47 11.76
CA GLU B 65 -18.41 7.22 12.15
C GLU B 65 -19.74 7.17 11.44
N SER B 66 -20.18 6.03 10.91
CA SER B 66 -21.43 6.14 10.16
C SER B 66 -22.63 6.21 11.11
N PHE B 67 -23.65 6.92 10.67
CA PHE B 67 -24.97 7.01 11.26
C PHE B 67 -25.99 6.42 10.27
N SER B 68 -26.70 5.38 10.67
CA SER B 68 -27.67 4.81 9.75
C SER B 68 -28.92 4.32 10.47
N PHE B 69 -30.07 4.50 9.82
CA PHE B 69 -31.28 3.96 10.44
C PHE B 69 -31.27 2.45 10.33
N ASP B 70 -30.41 1.94 9.44
CA ASP B 70 -30.29 0.47 9.38
C ASP B 70 -29.16 0.04 10.32
N ALA B 71 -29.49 -0.69 11.38
CA ALA B 71 -28.51 -1.06 12.39
C ALA B 71 -27.26 -1.74 11.82
N THR B 72 -27.46 -2.53 10.77
CA THR B 72 -26.37 -3.21 10.11
C THR B 72 -25.30 -2.30 9.52
N PHE B 73 -25.66 -1.05 9.18
CA PHE B 73 -24.76 -0.07 8.60
C PHE B 73 -24.47 1.07 9.57
N HIS B 74 -24.93 0.93 10.80
CA HIS B 74 -24.80 2.02 11.77
C HIS B 74 -23.52 1.89 12.60
N ALA B 75 -22.88 3.00 12.91
CA ALA B 75 -21.71 3.08 13.77
C ALA B 75 -20.50 2.37 13.20
N LYS B 76 -20.34 2.38 11.88
CA LYS B 76 -19.18 1.78 11.23
C LYS B 76 -18.04 2.79 11.07
N LYS B 77 -16.83 2.24 10.87
CA LYS B 77 -15.62 3.04 10.76
C LYS B 77 -14.90 2.73 9.45
N GLN B 78 -13.89 3.52 9.10
CA GLN B 78 -13.18 3.29 7.84
C GLN B 78 -11.71 3.68 8.01
N ILE B 79 -10.81 2.90 7.44
CA ILE B 79 -9.42 3.36 7.42
C ILE B 79 -9.04 3.45 5.95
N PRO B 80 -8.40 4.46 5.43
CA PRO B 80 -7.94 4.41 4.02
C PRO B 80 -6.69 3.55 3.88
N CYS B 81 -6.18 3.39 2.66
CA CYS B 81 -5.09 2.44 2.41
C CYS B 81 -4.13 3.01 1.37
N ILE B 82 -2.93 3.36 1.82
CA ILE B 82 -1.86 3.89 0.99
C ILE B 82 -1.01 2.76 0.44
N VAL B 83 -1.01 2.67 -0.89
CA VAL B 83 -0.15 1.70 -1.58
C VAL B 83 0.88 2.44 -2.40
N SER B 84 2.13 2.38 -1.97
CA SER B 84 3.18 3.13 -2.62
C SER B 84 4.25 2.23 -3.24
N MET B 85 4.45 2.42 -4.53
CA MET B 85 5.60 1.92 -5.26
C MET B 85 6.49 3.12 -5.60
N LEU B 86 6.39 4.19 -4.81
CA LEU B 86 7.21 5.36 -5.14
C LEU B 86 8.67 5.10 -4.77
N THR B 87 9.60 5.82 -5.41
CA THR B 87 11.01 5.57 -5.12
C THR B 87 11.65 6.83 -4.56
N LYS B 88 10.85 7.91 -4.54
CA LYS B 88 11.39 9.16 -4.00
C LYS B 88 10.29 9.86 -3.19
N GLU B 89 10.66 10.87 -2.42
CA GLU B 89 9.68 11.69 -1.72
C GLU B 89 8.96 12.61 -2.71
N LEU B 90 7.69 12.86 -2.46
CA LEU B 90 6.87 13.72 -3.32
C LEU B 90 6.48 15.00 -2.59
N TYR B 91 6.93 16.14 -3.09
CA TYR B 91 6.55 17.43 -2.55
C TYR B 91 5.78 18.19 -3.63
N PHE B 92 4.61 18.73 -3.33
CA PHE B 92 3.86 19.42 -4.39
C PHE B 92 4.32 20.86 -4.54
N TYR B 93 5.59 21.11 -4.29
CA TYR B 93 6.08 22.48 -4.38
C TYR B 93 7.55 22.41 -4.79
N HIS B 94 8.12 23.58 -5.04
CA HIS B 94 9.51 23.67 -5.49
C HIS B 94 10.10 25.00 -5.04
N HIS B 95 11.40 25.06 -4.76
CA HIS B 95 12.06 26.25 -4.26
C HIS B 95 12.70 27.11 -5.35
N ASN C 7 2.21 14.32 13.75
CA ASN C 7 1.90 13.43 14.87
C ASN C 7 2.48 12.04 14.64
N SER C 8 3.01 11.47 15.73
CA SER C 8 3.71 10.20 15.61
C SER C 8 3.41 9.27 16.77
N TYR C 9 3.59 7.97 16.51
CA TYR C 9 3.34 7.00 17.56
C TYR C 9 4.22 7.20 18.78
N LYS C 10 3.64 7.09 19.97
CA LYS C 10 4.43 7.07 21.19
C LYS C 10 5.34 5.84 21.17
N MET C 11 6.65 6.05 21.14
CA MET C 11 7.53 4.89 21.05
C MET C 11 8.44 4.82 22.27
N ASP C 12 7.97 5.46 23.34
CA ASP C 12 8.71 5.47 24.58
C ASP C 12 8.05 4.63 25.66
N TYR C 13 7.31 3.59 25.29
CA TYR C 13 6.88 2.60 26.27
C TYR C 13 8.14 1.86 26.77
N PRO C 14 8.10 1.16 27.89
CA PRO C 14 9.30 0.48 28.39
C PRO C 14 9.96 -0.45 27.38
N GLU C 15 9.19 -1.13 26.54
CA GLU C 15 9.72 -2.03 25.53
C GLU C 15 9.32 -1.63 24.11
N MET C 16 10.27 -1.64 23.18
CA MET C 16 9.89 -1.35 21.80
C MET C 16 8.82 -2.32 21.33
N GLY C 17 8.94 -3.57 21.78
CA GLY C 17 7.99 -4.61 21.41
C GLY C 17 8.66 -5.85 20.85
N LEU C 18 7.85 -6.83 20.45
CA LEU C 18 8.34 -8.05 19.86
C LEU C 18 8.64 -7.90 18.36
N CYS C 19 9.64 -8.67 17.93
CA CYS C 19 9.88 -8.84 16.50
C CYS C 19 9.89 -10.34 16.24
N ILE C 20 8.79 -10.83 15.65
CA ILE C 20 8.70 -12.25 15.35
C ILE C 20 9.14 -12.56 13.93
N ILE C 21 10.20 -13.38 13.79
CA ILE C 21 10.64 -13.75 12.45
C ILE C 21 10.35 -15.22 12.14
N ILE C 22 9.51 -15.42 11.13
CA ILE C 22 9.24 -16.78 10.67
C ILE C 22 10.08 -17.02 9.41
N ASN C 23 10.95 -18.02 9.50
CA ASN C 23 11.93 -18.29 8.45
C ASN C 23 11.71 -19.68 7.87
N ASN C 24 10.98 -19.78 6.77
CA ASN C 24 10.69 -21.08 6.17
C ASN C 24 11.62 -21.35 4.98
N LYS C 25 12.47 -22.39 5.14
CA LYS C 25 13.46 -22.68 4.11
C LYS C 25 13.21 -24.01 3.41
N ASN C 26 12.75 -25.00 4.15
CA ASN C 26 12.52 -26.36 3.67
C ASN C 26 11.05 -26.76 3.70
N PHE C 27 10.52 -27.16 2.56
CA PHE C 27 9.12 -27.47 2.37
C PHE C 27 8.87 -28.93 2.01
N HIS C 28 7.87 -29.51 2.68
CA HIS C 28 7.48 -30.89 2.46
C HIS C 28 7.28 -31.19 0.97
N LYS C 29 7.72 -32.37 0.55
CA LYS C 29 7.68 -32.71 -0.87
C LYS C 29 6.28 -32.55 -1.45
N SER C 30 5.26 -32.93 -0.70
CA SER C 30 3.88 -32.87 -1.15
C SER C 30 3.55 -31.52 -1.81
N THR C 31 4.01 -30.45 -1.20
CA THR C 31 3.87 -29.09 -1.71
C THR C 31 4.69 -28.89 -2.98
N GLY C 32 5.80 -29.61 -3.05
CA GLY C 32 6.76 -29.57 -4.14
C GLY C 32 7.43 -28.24 -4.34
N MET C 33 7.78 -27.51 -3.26
CA MET C 33 8.46 -26.24 -3.52
C MET C 33 9.94 -26.34 -3.21
N THR C 34 10.69 -25.45 -3.84
CA THR C 34 12.13 -25.41 -3.74
C THR C 34 12.61 -24.93 -2.37
N SER C 35 13.79 -25.43 -2.00
CA SER C 35 14.40 -24.97 -0.75
C SER C 35 14.76 -23.50 -0.93
N ARG C 36 14.41 -22.63 -0.01
CA ARG C 36 14.59 -21.18 -0.15
C ARG C 36 16.00 -20.76 0.22
N SER C 37 16.98 -21.25 -0.54
CA SER C 37 18.37 -20.92 -0.35
C SER C 37 18.62 -19.41 -0.28
N GLY C 38 19.33 -18.97 0.74
CA GLY C 38 19.65 -17.57 0.95
C GLY C 38 18.85 -16.96 2.09
N THR C 39 17.81 -17.68 2.53
CA THR C 39 16.89 -17.16 3.53
C THR C 39 17.51 -17.09 4.92
N ASP C 40 18.49 -17.95 5.20
CA ASP C 40 19.17 -17.87 6.49
C ASP C 40 19.93 -16.56 6.62
N VAL C 41 20.49 -16.12 5.50
CA VAL C 41 21.17 -14.81 5.56
C VAL C 41 20.17 -13.72 5.92
N ASP C 42 18.97 -13.84 5.36
CA ASP C 42 17.88 -12.90 5.64
C ASP C 42 17.53 -12.90 7.11
N ALA C 43 17.29 -14.10 7.64
CA ALA C 43 16.83 -14.23 9.02
C ALA C 43 17.81 -13.64 10.02
N ALA C 44 19.10 -13.91 9.80
CA ALA C 44 20.09 -13.41 10.73
C ALA C 44 20.27 -11.91 10.62
N ASN C 45 20.15 -11.40 9.40
CA ASN C 45 20.26 -9.96 9.17
C ASN C 45 19.16 -9.21 9.90
N LEU C 46 17.93 -9.72 9.75
CA LEU C 46 16.78 -9.15 10.44
C LEU C 46 16.95 -9.22 11.95
N ARG C 47 17.38 -10.40 12.40
CA ARG C 47 17.55 -10.57 13.85
C ARG C 47 18.50 -9.50 14.42
N GLU C 48 19.64 -9.27 13.78
CA GLU C 48 20.58 -8.27 14.26
C GLU C 48 20.07 -6.84 14.11
N THR C 49 19.38 -6.59 13.01
CA THR C 49 18.85 -5.25 12.72
C THR C 49 17.82 -4.89 13.78
N PHE C 50 16.90 -5.83 14.02
CA PHE C 50 15.87 -5.44 14.99
C PHE C 50 16.43 -5.45 16.39
N ARG C 51 17.40 -6.33 16.67
CA ARG C 51 18.00 -6.28 18.01
C ARG C 51 18.62 -4.91 18.23
N ASN C 52 19.23 -4.41 17.13
CA ASN C 52 19.81 -3.08 17.28
C ASN C 52 18.74 -2.03 17.51
N LEU C 53 17.50 -2.25 17.07
CA LEU C 53 16.49 -1.21 17.30
C LEU C 53 15.80 -1.42 18.64
N LYS C 54 16.29 -2.42 19.37
CA LYS C 54 15.87 -2.75 20.71
C LYS C 54 14.55 -3.52 20.76
N TYR C 55 14.28 -4.29 19.73
CA TYR C 55 13.15 -5.21 19.72
C TYR C 55 13.53 -6.55 20.35
N GLU C 56 12.56 -7.17 20.98
CA GLU C 56 12.70 -8.53 21.49
C GLU C 56 12.48 -9.52 20.35
N VAL C 57 13.58 -9.99 19.75
CA VAL C 57 13.48 -10.85 18.58
C VAL C 57 13.27 -12.31 18.94
N ARG C 58 12.30 -12.91 18.27
CA ARG C 58 12.11 -14.35 18.42
C ARG C 58 12.16 -14.95 17.01
N ASN C 59 13.21 -15.73 16.75
CA ASN C 59 13.30 -16.36 15.43
C ASN C 59 12.64 -17.74 15.49
N LYS C 60 11.81 -18.05 14.50
CA LYS C 60 11.20 -19.36 14.38
C LYS C 60 11.55 -19.93 13.00
N ASN C 61 11.74 -21.24 12.91
CA ASN C 61 12.16 -21.83 11.63
C ASN C 61 11.31 -23.02 11.23
N ASP C 62 11.16 -23.21 9.93
CA ASP C 62 10.45 -24.30 9.28
C ASP C 62 9.13 -24.64 9.97
N LEU C 63 8.24 -23.65 10.01
CA LEU C 63 6.95 -23.77 10.66
C LEU C 63 5.85 -24.23 9.72
N THR C 64 5.09 -25.24 10.16
CA THR C 64 3.95 -25.67 9.37
C THR C 64 2.89 -24.58 9.34
N ARG C 65 1.91 -24.73 8.45
CA ARG C 65 0.83 -23.73 8.43
C ARG C 65 0.12 -23.74 9.77
N GLU C 66 0.02 -24.91 10.38
CA GLU C 66 -0.58 -24.97 11.72
C GLU C 66 0.26 -24.24 12.76
N GLU C 67 1.58 -24.47 12.75
CA GLU C 67 2.34 -23.76 13.78
C GLU C 67 2.32 -22.25 13.52
N ILE C 68 2.22 -21.86 12.24
CA ILE C 68 2.27 -20.39 12.07
C ILE C 68 1.01 -19.79 12.68
N VAL C 69 -0.13 -20.42 12.43
CA VAL C 69 -1.37 -19.87 12.98
C VAL C 69 -1.41 -19.93 14.50
N GLU C 70 -0.93 -21.04 15.07
CA GLU C 70 -0.97 -21.09 16.53
C GLU C 70 0.03 -20.09 17.09
N LEU C 71 1.18 -19.96 16.43
CA LEU C 71 2.17 -19.02 16.95
C LEU C 71 1.61 -17.61 16.98
N MET C 72 0.90 -17.26 15.90
CA MET C 72 0.39 -15.88 15.83
C MET C 72 -0.69 -15.67 16.87
N ARG C 73 -1.55 -16.67 17.07
CA ARG C 73 -2.57 -16.51 18.10
C ARG C 73 -1.95 -16.33 19.47
N ASP C 74 -1.04 -17.24 19.82
CA ASP C 74 -0.42 -17.16 21.15
C ASP C 74 0.25 -15.79 21.30
N VAL C 75 0.90 -15.33 20.23
CA VAL C 75 1.53 -14.03 20.37
C VAL C 75 0.49 -12.94 20.56
N SER C 76 -0.61 -12.99 19.81
CA SER C 76 -1.65 -11.97 19.96
C SER C 76 -2.30 -12.02 21.34
N LYS C 77 -2.21 -13.18 21.99
CA LYS C 77 -2.83 -13.28 23.31
C LYS C 77 -1.88 -12.77 24.39
N GLU C 78 -0.64 -12.43 24.03
CA GLU C 78 0.22 -11.92 25.08
C GLU C 78 -0.29 -10.54 25.53
N ASP C 79 0.42 -9.97 26.47
CA ASP C 79 0.16 -8.69 27.08
C ASP C 79 1.16 -7.64 26.62
N HIS C 80 0.75 -6.88 25.60
CA HIS C 80 1.64 -5.93 24.95
C HIS C 80 1.59 -4.54 25.56
N SER C 81 0.97 -4.44 26.73
CA SER C 81 0.74 -3.15 27.36
C SER C 81 1.98 -2.28 27.44
N LYS C 82 3.12 -2.90 27.81
CA LYS C 82 4.28 -2.02 27.97
C LYS C 82 5.11 -2.06 26.69
N ARG C 83 4.51 -2.56 25.62
CA ARG C 83 5.23 -2.63 24.34
C ARG C 83 4.74 -1.55 23.38
N SER C 84 5.66 -0.87 22.69
CA SER C 84 5.36 0.25 21.83
C SER C 84 4.74 -0.19 20.51
N SER C 85 5.09 -1.41 20.13
CA SER C 85 4.72 -1.86 18.80
C SER C 85 4.80 -3.37 18.67
N PHE C 86 4.57 -3.80 17.45
CA PHE C 86 4.64 -5.21 17.07
C PHE C 86 5.18 -5.35 15.64
N VAL C 87 6.15 -6.24 15.48
CA VAL C 87 6.74 -6.54 14.18
C VAL C 87 6.68 -8.04 13.93
N CYS C 88 6.19 -8.42 12.75
CA CYS C 88 6.20 -9.77 12.25
C CYS C 88 6.86 -9.82 10.87
N VAL C 89 7.87 -10.66 10.71
CA VAL C 89 8.51 -10.83 9.42
C VAL C 89 8.26 -12.25 8.92
N LEU C 90 7.72 -12.35 7.71
CA LEU C 90 7.40 -13.59 7.05
C LEU C 90 8.41 -13.82 5.93
N LEU C 91 9.12 -14.94 6.03
CA LEU C 91 10.05 -15.28 4.96
C LEU C 91 9.66 -16.63 4.39
N SER C 92 9.15 -16.66 3.17
CA SER C 92 8.70 -17.94 2.63
C SER C 92 8.25 -17.87 1.19
N HIS C 93 7.72 -19.00 0.71
CA HIS C 93 7.06 -18.95 -0.58
C HIS C 93 5.72 -18.26 -0.36
N GLY C 94 5.05 -17.83 -1.42
CA GLY C 94 3.75 -17.20 -1.26
C GLY C 94 3.01 -17.08 -2.59
N GLU C 95 1.77 -16.64 -2.52
CA GLU C 95 0.99 -16.24 -3.69
C GLU C 95 0.25 -14.95 -3.30
N GLU C 96 -0.46 -14.35 -4.25
CA GLU C 96 -1.21 -13.14 -3.90
C GLU C 96 -2.10 -13.44 -2.70
N GLY C 97 -1.85 -12.75 -1.60
CA GLY C 97 -2.64 -12.92 -0.39
C GLY C 97 -2.27 -14.14 0.42
N ILE C 98 -1.26 -14.90 -0.01
CA ILE C 98 -0.95 -16.14 0.71
C ILE C 98 0.53 -16.25 1.05
N ILE C 99 0.84 -16.81 2.21
CA ILE C 99 2.20 -17.17 2.58
C ILE C 99 2.23 -18.67 2.82
N PHE C 100 3.37 -19.33 2.61
CA PHE C 100 3.32 -20.78 2.80
C PHE C 100 3.96 -21.23 4.11
N GLY C 101 3.28 -22.17 4.74
CA GLY C 101 3.86 -23.00 5.77
C GLY C 101 4.68 -24.09 5.07
N THR C 102 5.52 -24.82 5.81
CA THR C 102 6.31 -25.89 5.21
C THR C 102 5.43 -26.91 4.49
N ASN C 103 4.20 -27.04 4.97
CA ASN C 103 3.26 -28.01 4.44
C ASN C 103 2.15 -27.38 3.60
N GLY C 104 2.16 -26.06 3.38
CA GLY C 104 1.06 -25.51 2.59
C GLY C 104 0.68 -24.10 2.94
N PRO C 105 -0.24 -23.55 2.14
CA PRO C 105 -0.58 -22.14 2.19
C PRO C 105 -1.49 -21.74 3.35
N VAL C 106 -1.39 -20.47 3.71
CA VAL C 106 -2.22 -19.83 4.71
C VAL C 106 -2.55 -18.40 4.25
N ASP C 107 -3.81 -18.01 4.32
CA ASP C 107 -4.20 -16.64 4.03
C ASP C 107 -3.55 -15.68 5.02
N LEU C 108 -2.84 -14.68 4.48
CA LEU C 108 -2.19 -13.67 5.30
C LEU C 108 -3.17 -13.00 6.25
N LYS C 109 -4.41 -12.91 5.78
CA LYS C 109 -5.48 -12.23 6.52
C LYS C 109 -5.76 -12.97 7.82
N LYS C 110 -5.72 -14.29 7.74
CA LYS C 110 -5.87 -15.13 8.91
C LYS C 110 -4.80 -14.81 9.95
N ILE C 111 -3.58 -14.60 9.47
CA ILE C 111 -2.50 -14.20 10.37
C ILE C 111 -2.69 -12.80 10.93
N THR C 112 -2.94 -11.80 10.08
CA THR C 112 -3.05 -10.43 10.60
C THR C 112 -4.33 -10.22 11.41
N ASN C 113 -5.43 -10.94 11.17
CA ASN C 113 -6.64 -10.72 11.97
C ASN C 113 -6.44 -10.89 13.47
N PHE C 114 -5.54 -11.76 13.93
CA PHE C 114 -5.26 -11.91 15.35
C PHE C 114 -4.86 -10.59 16.00
N PHE C 115 -4.35 -9.64 15.21
CA PHE C 115 -3.87 -8.39 15.77
C PHE C 115 -4.81 -7.22 15.52
N ARG C 116 -6.00 -7.51 15.02
CA ARG C 116 -6.99 -6.46 14.80
C ARG C 116 -7.22 -5.67 16.10
N GLY C 117 -7.56 -4.40 15.97
CA GLY C 117 -7.71 -3.44 17.04
C GLY C 117 -8.69 -3.92 18.11
N ASP C 118 -9.60 -4.79 17.71
CA ASP C 118 -10.54 -5.35 18.69
C ASP C 118 -10.14 -6.74 19.19
N ARG C 119 -9.31 -7.47 18.47
CA ARG C 119 -8.91 -8.81 18.88
C ARG C 119 -7.59 -8.83 19.67
N CYS C 120 -6.86 -7.73 19.73
CA CYS C 120 -5.63 -7.62 20.51
C CYS C 120 -5.55 -6.22 21.12
N ARG C 121 -6.21 -6.01 22.25
CA ARG C 121 -6.38 -4.71 22.88
C ARG C 121 -5.10 -4.05 23.35
N SER C 122 -4.11 -4.83 23.80
CA SER C 122 -2.90 -4.16 24.26
C SER C 122 -2.01 -3.71 23.10
N LEU C 123 -2.45 -3.95 21.87
CA LEU C 123 -1.79 -3.33 20.72
C LEU C 123 -2.72 -2.31 20.06
N THR C 124 -3.96 -2.20 20.55
CA THR C 124 -4.93 -1.25 19.99
C THR C 124 -4.30 0.13 19.99
N GLY C 125 -4.21 0.76 18.82
CA GLY C 125 -3.62 2.08 18.78
C GLY C 125 -2.12 2.11 18.59
N LYS C 126 -1.49 0.96 18.45
CA LYS C 126 -0.04 0.93 18.30
C LYS C 126 0.32 0.38 16.93
N PRO C 127 1.42 0.81 16.33
CA PRO C 127 1.75 0.30 14.99
C PRO C 127 2.05 -1.20 14.98
N LYS C 128 1.38 -1.91 14.08
CA LYS C 128 1.57 -3.33 13.85
C LYS C 128 2.21 -3.54 12.48
N LEU C 129 3.49 -3.92 12.44
CA LEU C 129 4.20 -4.05 11.17
C LEU C 129 4.37 -5.48 10.69
N PHE C 130 3.90 -5.77 9.48
CA PHE C 130 4.12 -7.04 8.83
C PHE C 130 5.05 -6.84 7.62
N ILE C 131 6.17 -7.53 7.64
CA ILE C 131 7.21 -7.46 6.59
C ILE C 131 7.21 -8.78 5.85
N ILE C 132 6.90 -8.71 4.55
CA ILE C 132 6.62 -9.96 3.86
C ILE C 132 7.53 -10.18 2.65
N GLN C 133 8.42 -11.15 2.83
CA GLN C 133 9.31 -11.53 1.74
C GLN C 133 8.79 -12.86 1.19
N ALA C 134 8.20 -12.79 0.01
CA ALA C 134 7.53 -13.94 -0.59
C ALA C 134 6.84 -13.50 -1.88
N CYS C 135 6.64 -14.44 -2.80
CA CYS C 135 6.04 -14.11 -4.09
C CYS C 135 4.57 -13.74 -3.94
N ARG C 136 4.06 -12.93 -4.86
CA ARG C 136 2.65 -12.54 -4.89
C ARG C 136 2.00 -12.96 -6.20
N GLY C 137 2.56 -13.99 -6.83
CA GLY C 137 2.13 -14.48 -8.12
C GLY C 137 3.34 -14.78 -8.99
N THR C 138 3.16 -14.86 -10.31
CA THR C 138 4.26 -15.25 -11.16
C THR C 138 4.58 -14.26 -12.27
N GLU C 139 4.19 -12.99 -12.11
CA GLU C 139 4.54 -12.04 -13.17
C GLU C 139 6.00 -11.60 -12.99
N LEU C 140 6.64 -11.29 -14.10
CA LEU C 140 7.98 -10.73 -14.08
C LEU C 140 7.95 -9.30 -14.62
N ASP C 141 8.73 -8.45 -13.96
CA ASP C 141 8.93 -7.05 -14.33
C ASP C 141 10.16 -6.91 -15.22
N CYS C 142 9.93 -6.70 -16.51
CA CYS C 142 11.00 -6.62 -17.49
C CYS C 142 11.82 -5.35 -17.35
N GLY C 143 11.31 -4.40 -16.61
CA GLY C 143 11.95 -3.11 -16.39
C GLY C 143 11.93 -2.27 -17.66
N ILE C 144 12.36 -1.03 -17.56
CA ILE C 144 12.47 -0.08 -18.65
C ILE C 144 13.75 0.73 -18.44
N GLU C 145 14.45 1.01 -19.53
CA GLU C 145 15.71 1.74 -19.47
C GLU C 145 15.47 3.21 -19.20
N THR C 146 16.36 3.85 -18.45
CA THR C 146 16.11 5.25 -18.13
C THR C 146 17.24 6.14 -18.63
N HIS D 2 -13.33 8.18 20.30
CA HIS D 2 -14.39 7.27 20.71
C HIS D 2 -14.13 5.87 20.15
N LYS D 3 -14.03 5.79 18.82
CA LYS D 3 -13.72 4.52 18.19
C LYS D 3 -12.66 4.71 17.10
N ILE D 4 -11.84 3.66 16.93
CA ILE D 4 -10.92 3.68 15.80
C ILE D 4 -11.22 2.45 14.95
N PRO D 5 -10.88 2.49 13.66
CA PRO D 5 -11.16 1.31 12.83
C PRO D 5 -10.36 0.10 13.32
N VAL D 6 -10.89 -1.12 13.23
CA VAL D 6 -10.11 -2.27 13.69
C VAL D 6 -8.97 -2.59 12.73
N GLU D 7 -8.96 -1.93 11.57
CA GLU D 7 -7.97 -2.21 10.54
C GLU D 7 -6.90 -1.13 10.56
N ALA D 8 -7.08 -0.13 11.42
CA ALA D 8 -6.12 0.96 11.49
C ALA D 8 -4.80 0.48 12.14
N ASP D 9 -3.78 1.28 11.89
CA ASP D 9 -2.46 1.19 12.49
C ASP D 9 -1.73 -0.08 12.10
N PHE D 10 -2.08 -0.63 10.94
CA PHE D 10 -1.26 -1.69 10.35
C PHE D 10 -0.38 -1.11 9.24
N LEU D 11 0.84 -1.62 9.14
CA LEU D 11 1.66 -1.41 7.95
C LEU D 11 2.13 -2.76 7.39
N TYR D 12 1.91 -2.93 6.08
CA TYR D 12 2.29 -4.17 5.41
C TYR D 12 3.43 -3.85 4.43
N ALA D 13 4.65 -4.28 4.77
CA ALA D 13 5.74 -3.95 3.84
C ALA D 13 5.98 -5.18 2.97
N TYR D 14 5.40 -5.15 1.76
CA TYR D 14 5.56 -6.26 0.84
C TYR D 14 6.86 -6.10 0.05
N SER D 15 7.52 -7.22 -0.23
CA SER D 15 8.76 -7.19 -0.98
C SER D 15 8.56 -6.89 -2.46
N THR D 16 7.35 -7.13 -2.96
CA THR D 16 7.10 -6.99 -4.38
C THR D 16 5.66 -6.55 -4.65
N ALA D 17 5.38 -6.09 -5.86
CA ALA D 17 4.05 -5.64 -6.26
C ALA D 17 3.06 -6.78 -6.39
N PRO D 18 1.77 -6.50 -6.21
CA PRO D 18 0.75 -7.53 -6.36
C PRO D 18 0.90 -8.32 -7.66
N GLY D 19 0.72 -9.63 -7.60
CA GLY D 19 0.80 -10.46 -8.78
C GLY D 19 2.21 -10.80 -9.24
N TYR D 20 3.24 -10.22 -8.61
CA TYR D 20 4.60 -10.47 -9.09
C TYR D 20 5.37 -11.47 -8.23
N TYR D 21 6.42 -12.04 -8.84
CA TYR D 21 7.47 -12.79 -8.19
C TYR D 21 8.27 -11.91 -7.23
N SER D 22 8.88 -12.51 -6.23
CA SER D 22 9.85 -11.78 -5.40
C SER D 22 11.22 -12.43 -5.59
N TRP D 23 12.29 -11.64 -5.65
CA TRP D 23 13.59 -12.26 -5.95
C TRP D 23 14.44 -12.48 -4.70
N ARG D 24 15.08 -13.65 -4.71
CA ARG D 24 15.97 -14.04 -3.62
C ARG D 24 17.33 -14.47 -4.14
N ASN D 25 18.43 -13.90 -3.68
CA ASN D 25 19.74 -14.43 -4.07
C ASN D 25 20.23 -15.46 -3.05
N SER D 26 20.54 -16.63 -3.57
CA SER D 26 21.07 -17.76 -2.83
C SER D 26 22.21 -17.41 -1.88
N LYS D 27 23.00 -16.39 -2.19
CA LYS D 27 24.20 -16.07 -1.45
C LYS D 27 24.05 -14.84 -0.59
N ASP D 28 23.39 -13.84 -1.17
CA ASP D 28 23.29 -12.56 -0.47
C ASP D 28 21.96 -12.43 0.24
N GLY D 29 21.00 -13.31 -0.06
CA GLY D 29 19.72 -13.07 0.62
C GLY D 29 18.75 -12.45 -0.38
N SER D 30 17.52 -12.16 0.08
CA SER D 30 16.55 -11.59 -0.87
C SER D 30 16.88 -10.13 -1.10
N TRP D 31 16.52 -9.61 -2.28
CA TRP D 31 16.78 -8.20 -2.59
C TRP D 31 16.13 -7.28 -1.57
N PHE D 32 14.88 -7.56 -1.22
CA PHE D 32 14.11 -6.68 -0.33
C PHE D 32 14.65 -6.68 1.07
N ILE D 33 14.89 -7.89 1.61
CA ILE D 33 15.34 -7.90 3.02
C ILE D 33 16.71 -7.25 3.12
N GLN D 34 17.57 -7.65 2.18
CA GLN D 34 18.89 -7.06 2.04
C GLN D 34 18.76 -5.55 2.10
N SER D 35 17.86 -5.04 1.24
CA SER D 35 17.83 -3.56 1.20
C SER D 35 17.17 -3.02 2.45
N LEU D 36 16.18 -3.74 2.96
CA LEU D 36 15.50 -3.23 4.16
C LEU D 36 16.47 -3.12 5.33
N CYS D 37 17.31 -4.13 5.54
CA CYS D 37 18.16 -4.06 6.74
C CYS D 37 19.13 -2.89 6.65
N ALA D 38 19.64 -2.67 5.45
CA ALA D 38 20.61 -1.60 5.22
C ALA D 38 20.04 -0.20 5.42
N MET D 39 18.81 0.02 4.95
CA MET D 39 18.22 1.37 5.10
C MET D 39 17.91 1.58 6.58
N LEU D 40 17.39 0.53 7.22
CA LEU D 40 17.14 0.64 8.66
C LEU D 40 18.44 0.96 9.38
N LYS D 41 19.47 0.17 9.06
CA LYS D 41 20.77 0.41 9.67
C LYS D 41 21.20 1.85 9.43
N GLN D 42 21.07 2.33 8.20
CA GLN D 42 21.57 3.67 7.91
C GLN D 42 20.69 4.79 8.44
N TYR D 43 19.37 4.60 8.43
CA TYR D 43 18.50 5.75 8.64
C TYR D 43 17.56 5.66 9.82
N ALA D 44 17.41 4.50 10.46
CA ALA D 44 16.41 4.37 11.53
C ALA D 44 16.64 5.37 12.65
N ASP D 45 17.81 5.99 12.77
CA ASP D 45 17.97 6.98 13.85
C ASP D 45 17.56 8.37 13.38
N LYS D 46 17.16 8.54 12.12
CA LYS D 46 16.82 9.89 11.68
C LYS D 46 15.48 9.98 10.96
N LEU D 47 15.20 9.00 10.11
CA LEU D 47 14.08 9.12 9.21
C LEU D 47 12.81 8.46 9.74
N GLU D 48 11.65 9.03 9.37
CA GLU D 48 10.37 8.38 9.64
C GLU D 48 10.34 7.11 8.82
N PHE D 49 9.59 6.13 9.31
CA PHE D 49 9.58 4.81 8.71
C PHE D 49 9.10 4.77 7.27
N MET D 50 8.13 5.58 6.85
CA MET D 50 7.70 5.50 5.45
C MET D 50 8.79 5.98 4.48
N HIS D 51 9.51 6.98 4.95
CA HIS D 51 10.61 7.56 4.19
C HIS D 51 11.70 6.50 4.02
N ILE D 52 11.94 5.73 5.08
CA ILE D 52 12.91 4.62 5.02
C ILE D 52 12.46 3.57 4.03
N LEU D 53 11.19 3.19 4.08
CA LEU D 53 10.67 2.20 3.14
C LEU D 53 10.71 2.69 1.69
N THR D 54 10.63 3.99 1.49
CA THR D 54 10.71 4.61 0.17
C THR D 54 12.13 4.46 -0.38
N ARG D 55 13.10 4.75 0.47
CA ARG D 55 14.50 4.54 0.09
C ARG D 55 14.78 3.08 -0.16
N VAL D 56 14.11 2.20 0.61
CA VAL D 56 14.20 0.77 0.31
C VAL D 56 13.62 0.51 -1.07
N ASN D 57 12.49 1.16 -1.37
CA ASN D 57 11.91 0.98 -2.70
C ASN D 57 12.93 1.36 -3.79
N ARG D 58 13.63 2.46 -3.56
CA ARG D 58 14.58 2.97 -4.56
C ARG D 58 15.76 2.03 -4.72
N LYS D 59 16.24 1.52 -3.59
CA LYS D 59 17.40 0.63 -3.61
C LYS D 59 17.07 -0.62 -4.39
N VAL D 60 15.92 -1.24 -4.08
CA VAL D 60 15.58 -2.44 -4.82
C VAL D 60 15.39 -2.14 -6.30
N ALA D 61 14.75 -1.02 -6.64
CA ALA D 61 14.43 -0.73 -8.04
C ALA D 61 15.66 -0.42 -8.87
N THR D 62 16.63 0.24 -8.24
CA THR D 62 17.74 0.68 -9.08
C THR D 62 18.92 -0.25 -9.01
N GLU D 63 19.16 -0.94 -7.89
CA GLU D 63 20.45 -1.63 -7.73
C GLU D 63 20.38 -3.11 -7.99
N PHE D 64 19.20 -3.65 -8.25
CA PHE D 64 19.11 -5.08 -8.51
C PHE D 64 18.52 -5.35 -9.89
N GLU D 65 18.95 -6.45 -10.49
CA GLU D 65 18.38 -6.92 -11.73
C GLU D 65 18.75 -8.38 -11.84
N SER D 66 17.83 -9.25 -12.27
CA SER D 66 18.24 -10.65 -12.17
C SER D 66 19.25 -11.08 -13.22
N PHE D 67 20.06 -12.08 -12.89
CA PHE D 67 20.93 -12.73 -13.87
C PHE D 67 20.51 -14.19 -13.94
N SER D 68 20.26 -14.68 -15.15
CA SER D 68 19.85 -16.07 -15.30
C SER D 68 20.33 -16.61 -16.63
N PHE D 69 20.67 -17.89 -16.73
CA PHE D 69 21.04 -18.54 -17.97
C PHE D 69 19.75 -18.87 -18.75
N ASP D 70 18.67 -18.87 -17.99
CA ASP D 70 17.31 -18.99 -18.50
C ASP D 70 16.80 -17.62 -18.93
N ALA D 71 16.74 -17.36 -20.23
CA ALA D 71 16.38 -16.01 -20.67
C ALA D 71 15.02 -15.57 -20.16
N THR D 72 14.09 -16.48 -19.90
CA THR D 72 12.82 -16.15 -19.26
C THR D 72 13.01 -15.29 -18.02
N PHE D 73 13.94 -15.71 -17.17
CA PHE D 73 14.16 -15.00 -15.92
C PHE D 73 15.33 -14.06 -15.96
N HIS D 74 15.92 -13.83 -17.12
CA HIS D 74 17.08 -12.95 -17.15
C HIS D 74 16.69 -11.48 -17.27
N ALA D 75 17.48 -10.60 -16.68
CA ALA D 75 17.38 -9.15 -16.74
C ALA D 75 16.08 -8.60 -16.15
N LYS D 76 15.50 -9.33 -15.21
CA LYS D 76 14.23 -8.89 -14.61
C LYS D 76 14.43 -7.94 -13.43
N LYS D 77 13.40 -7.14 -13.16
CA LYS D 77 13.42 -6.11 -12.14
C LYS D 77 12.33 -6.34 -11.09
N GLN D 78 12.38 -5.55 -10.02
CA GLN D 78 11.51 -5.70 -8.87
C GLN D 78 11.22 -4.38 -8.18
N ILE D 79 9.97 -4.13 -7.79
CA ILE D 79 9.69 -2.97 -6.96
C ILE D 79 8.93 -3.43 -5.71
N PRO D 80 9.30 -3.04 -4.51
CA PRO D 80 8.53 -3.51 -3.33
C PRO D 80 7.21 -2.75 -3.24
N CYS D 81 6.35 -3.02 -2.25
CA CYS D 81 5.02 -2.39 -2.27
C CYS D 81 4.61 -2.12 -0.82
N ILE D 82 4.66 -0.86 -0.44
CA ILE D 82 4.32 -0.37 0.89
C ILE D 82 2.81 -0.17 1.03
N VAL D 83 2.21 -0.87 1.99
CA VAL D 83 0.77 -0.71 2.22
C VAL D 83 0.54 -0.20 3.64
N SER D 84 0.13 1.07 3.74
CA SER D 84 -0.03 1.67 5.04
C SER D 84 -1.46 2.07 5.42
N MET D 85 -1.89 1.55 6.55
CA MET D 85 -3.06 1.95 7.31
C MET D 85 -2.64 2.65 8.60
N LEU D 86 -1.41 3.16 8.63
CA LEU D 86 -0.94 3.86 9.83
C LEU D 86 -1.66 5.20 9.93
N THR D 87 -1.77 5.69 11.16
CA THR D 87 -2.48 6.95 11.39
C THR D 87 -1.53 8.01 11.93
N LYS D 88 -0.26 7.60 12.16
CA LYS D 88 0.70 8.58 12.65
C LYS D 88 2.10 8.26 12.09
N GLU D 89 3.01 9.19 12.29
CA GLU D 89 4.42 9.05 11.96
C GLU D 89 5.11 8.03 12.88
N LEU D 90 5.97 7.18 12.34
CA LEU D 90 6.69 6.12 13.05
C LEU D 90 8.20 6.38 12.99
N TYR D 91 8.76 6.78 14.12
CA TYR D 91 10.20 6.90 14.28
C TYR D 91 10.69 5.77 15.18
N PHE D 92 11.80 5.12 14.84
CA PHE D 92 12.22 4.01 15.70
C PHE D 92 12.99 4.47 16.92
N TYR D 93 13.04 5.77 17.15
CA TYR D 93 13.71 6.33 18.33
C TYR D 93 12.81 7.31 19.05
N HIS D 94 13.20 7.68 20.27
CA HIS D 94 12.38 8.61 21.05
C HIS D 94 13.25 9.56 21.85
C ACE E 1 -25.62 10.04 4.23
O ACE E 1 -25.13 10.17 3.11
CH3 ACE E 1 -26.76 10.93 4.67
N ASP E 2 -25.21 9.15 5.12
CA ASP E 2 -24.06 8.26 4.94
C ASP E 2 -24.45 7.08 4.06
N MET E 3 -23.76 6.87 2.93
CA MET E 3 -24.10 5.76 2.06
C MET E 3 -22.83 4.97 1.75
N GLN E 4 -22.93 3.88 1.04
CA GLN E 4 -21.79 3.02 0.74
C GLN E 4 -21.44 3.05 -0.75
C ASJ E 5 -18.99 1.62 -2.67
N ASJ E 5 -20.16 3.06 -1.04
O ASJ E 5 -18.89 1.09 -3.94
CA ASJ E 5 -19.60 2.97 -2.38
CB ASJ E 5 -18.49 4.01 -2.56
CG ASJ E 5 -18.98 5.34 -3.07
OD1 ASJ E 5 -20.08 5.38 -3.64
OD2 ASJ E 5 -18.24 6.32 -2.90
C ACE F 1 20.79 -16.64 -7.45
O ACE F 1 20.23 -16.90 -6.37
CH3 ACE F 1 22.12 -17.27 -7.81
N ASP F 2 20.28 -15.80 -8.34
CA ASP F 2 18.92 -15.28 -8.22
C ASP F 2 17.85 -16.32 -8.49
N MET F 3 16.93 -16.48 -7.55
CA MET F 3 15.78 -17.38 -7.70
C MET F 3 14.50 -16.64 -7.30
N GLN F 4 13.38 -17.32 -7.39
CA GLN F 4 12.08 -16.74 -7.09
C GLN F 4 11.45 -17.27 -5.80
C ASJ F 5 8.50 -16.75 -4.32
N ASJ F 5 10.80 -16.39 -5.06
O ASJ F 5 7.56 -17.60 -3.78
CA ASJ F 5 9.96 -16.77 -3.93
CB ASJ F 5 10.14 -15.81 -2.75
CG ASJ F 5 11.34 -16.21 -1.90
OD1 ASJ F 5 11.68 -17.40 -2.00
OD2 ASJ F 5 11.88 -15.35 -1.18
#